data_7XUD
#
_entry.id   7XUD
#
_cell.length_a   56.596
_cell.length_b   77.451
_cell.length_c   66.797
_cell.angle_alpha   90.000
_cell.angle_beta   90.503
_cell.angle_gamma   90.000
#
_symmetry.space_group_name_H-M   'P 1 21 1'
#
loop_
_entity.id
_entity.type
_entity.pdbx_description
1 polymer 'Histone-lysine N-methyltransferase EHMT2'
2 non-polymer 'ZINC ION'
3 non-polymer 'CHLORIDE ION'
4 non-polymer SINEFUNGIN
5 non-polymer ~{N}-[(2~{S})-4-cyclopropyl-1-oxidanylidene-1-phenylazanyl-butan-2-yl]-3,6,6-trimethyl-4-oxidanylidene-5,7-dihydro-1~{H}-indole-2-carboxamide
6 non-polymer 1,2-ETHANEDIOL
7 non-polymer 2-AMINO-2-HYDROXYMETHYL-PROPANE-1,3-DIOL
8 water water
#
_entity_poly.entity_id   1
_entity_poly.type   'polypeptide(L)'
_entity_poly.pdbx_seq_one_letter_code
;GSNRAIRTEKIICRDVARGYENVPIPCVNGVDGEPCPEDYKYISENCETSTMNIDRNITHLQHCTCVDDCSSSNCLCGQL
SIRCWYDKDGRLLQEFNKIEPPLIFECNQACSCWRNCKNRVVQSGIKVRLQLYRTAKMGWGVRALQTIPQGTFICEYVGE
LISDAEADVREDDSYLFDLDNKDGEVYCIDARYYGNISRFINHLCDPNIIPVRVFMLHQDLRFPRIAFFSSRDIRTGEEL
GFDYGDRFWDIKSKYFTCQCGSEKCKHSAEAIALEQSRLARLD
;
_entity_poly.pdbx_strand_id   A,B
#
# COMPACT_ATOMS: atom_id res chain seq x y z
N ILE A 6 28.86 -25.57 -24.95
CA ILE A 6 27.75 -25.82 -24.05
C ILE A 6 27.69 -24.80 -22.92
N ARG A 7 26.71 -23.90 -22.98
CA ARG A 7 26.59 -22.85 -21.98
C ARG A 7 25.85 -23.37 -20.76
N THR A 8 26.34 -22.97 -19.58
CA THR A 8 25.70 -23.30 -18.32
C THR A 8 25.01 -22.06 -17.76
N GLU A 9 24.12 -22.28 -16.80
CA GLU A 9 23.23 -21.22 -16.37
C GLU A 9 23.89 -20.35 -15.31
N LYS A 10 23.83 -19.03 -15.51
CA LYS A 10 24.33 -18.06 -14.55
C LYS A 10 23.17 -17.38 -13.85
N ILE A 11 23.32 -17.12 -12.56
CA ILE A 11 22.39 -16.28 -11.82
C ILE A 11 22.86 -14.84 -11.98
N ILE A 12 22.05 -14.04 -12.64
CA ILE A 12 22.47 -12.68 -13.03
C ILE A 12 21.76 -11.60 -12.24
N CYS A 13 20.74 -11.96 -11.45
CA CYS A 13 20.17 -11.02 -10.50
C CYS A 13 19.48 -11.84 -9.41
N ARG A 14 19.76 -11.51 -8.15
CA ARG A 14 19.13 -12.25 -7.05
C ARG A 14 17.65 -11.89 -6.88
N ASP A 15 17.26 -10.67 -7.27
CA ASP A 15 15.86 -10.28 -7.12
C ASP A 15 15.62 -9.08 -8.03
N VAL A 16 14.92 -9.31 -9.14
CA VAL A 16 14.61 -8.22 -10.05
C VAL A 16 13.67 -7.20 -9.42
N ALA A 17 12.98 -7.59 -8.34
CA ALA A 17 12.04 -6.70 -7.67
C ALA A 17 12.68 -5.88 -6.56
N ARG A 18 13.99 -6.04 -6.31
CA ARG A 18 14.71 -5.20 -5.35
C ARG A 18 14.04 -5.19 -3.97
N GLY A 19 13.52 -6.33 -3.55
CA GLY A 19 12.90 -6.44 -2.24
C GLY A 19 11.47 -6.00 -2.14
N TYR A 20 10.82 -5.60 -3.25
CA TYR A 20 9.47 -5.05 -3.14
C TYR A 20 8.38 -6.11 -3.08
N GLU A 21 8.66 -7.36 -3.45
CA GLU A 21 7.65 -8.42 -3.37
C GLU A 21 7.84 -9.20 -2.08
N ASN A 22 6.88 -10.08 -1.78
CA ASN A 22 6.98 -10.90 -0.58
C ASN A 22 8.16 -11.86 -0.67
N VAL A 23 8.55 -12.21 -1.89
CA VAL A 23 9.62 -13.18 -2.14
C VAL A 23 10.56 -12.59 -3.17
N PRO A 24 11.81 -13.04 -3.21
CA PRO A 24 12.70 -12.62 -4.28
C PRO A 24 12.32 -13.29 -5.60
N ILE A 25 12.58 -12.58 -6.69
CA ILE A 25 12.38 -13.12 -8.03
C ILE A 25 13.71 -13.06 -8.77
N PRO A 26 14.47 -14.15 -8.75
CA PRO A 26 15.79 -14.13 -9.39
C PRO A 26 15.70 -14.22 -10.90
N CYS A 27 16.79 -13.80 -11.55
CA CYS A 27 16.92 -13.89 -13.00
C CYS A 27 18.13 -14.74 -13.33
N VAL A 28 17.96 -15.68 -14.25
CA VAL A 28 19.04 -16.56 -14.70
C VAL A 28 19.08 -16.60 -16.22
N ASN A 29 20.24 -16.97 -16.75
CA ASN A 29 20.41 -17.11 -18.19
C ASN A 29 21.38 -18.26 -18.45
N GLY A 30 20.88 -19.32 -19.07
CA GLY A 30 21.73 -20.41 -19.54
C GLY A 30 21.68 -20.58 -21.05
N VAL A 31 21.25 -19.54 -21.77
CA VAL A 31 21.00 -19.62 -23.21
C VAL A 31 21.98 -18.76 -24.00
N ASP A 32 22.19 -17.51 -23.57
CA ASP A 32 23.00 -16.58 -24.34
C ASP A 32 23.67 -15.61 -23.38
N GLY A 33 24.24 -14.54 -23.92
CA GLY A 33 24.93 -13.56 -23.09
C GLY A 33 24.08 -12.35 -22.74
N GLU A 34 22.77 -12.43 -22.89
CA GLU A 34 21.92 -11.28 -22.58
C GLU A 34 21.97 -10.98 -21.09
N PRO A 35 22.28 -9.75 -20.69
CA PRO A 35 22.33 -9.41 -19.27
C PRO A 35 20.93 -9.26 -18.72
N CYS A 36 20.88 -9.10 -17.40
CA CYS A 36 19.61 -8.86 -16.73
C CYS A 36 18.90 -7.69 -17.38
N PRO A 37 17.64 -7.83 -17.76
CA PRO A 37 16.94 -6.73 -18.44
C PRO A 37 16.87 -5.49 -17.56
N GLU A 38 17.32 -4.36 -18.10
CA GLU A 38 17.31 -3.10 -17.37
C GLU A 38 16.70 -1.94 -18.15
N ASP A 39 16.05 -2.23 -19.28
CA ASP A 39 15.40 -1.20 -20.10
CA ASP A 39 15.40 -1.20 -20.10
C ASP A 39 13.97 -0.93 -19.65
N TYR A 40 13.72 -1.02 -18.36
CA TYR A 40 12.42 -0.74 -17.77
C TYR A 40 12.69 -0.51 -16.30
N LYS A 41 11.70 0.01 -15.60
CA LYS A 41 11.78 0.22 -14.16
C LYS A 41 10.85 -0.78 -13.48
N TYR A 42 11.40 -1.64 -12.62
CA TYR A 42 10.55 -2.58 -11.91
C TYR A 42 9.75 -1.83 -10.85
N ILE A 43 8.44 -2.00 -10.89
CA ILE A 43 7.52 -1.49 -9.88
C ILE A 43 6.62 -2.64 -9.44
N SER A 44 6.32 -2.67 -8.15
CA SER A 44 5.51 -3.77 -7.64
C SER A 44 4.01 -3.48 -7.68
N GLU A 45 3.61 -2.23 -7.84
CA GLU A 45 2.21 -1.84 -7.95
C GLU A 45 2.07 -0.83 -9.10
N ASN A 46 0.87 -0.74 -9.65
CA ASN A 46 0.64 0.11 -10.81
C ASN A 46 1.04 1.56 -10.53
N CYS A 47 1.52 2.24 -11.56
CA CYS A 47 1.87 3.64 -11.45
C CYS A 47 1.08 4.49 -12.44
N GLU A 48 1.18 5.80 -12.23
CA GLU A 48 0.66 6.81 -13.14
C GLU A 48 1.82 7.72 -13.52
N THR A 49 1.84 8.17 -14.78
CA THR A 49 2.72 9.27 -15.17
C THR A 49 1.96 10.54 -15.46
N SER A 50 0.66 10.45 -15.68
CA SER A 50 -0.26 11.58 -15.61
C SER A 50 -1.49 11.05 -14.88
N THR A 51 -2.27 11.94 -14.27
CA THR A 51 -3.28 11.43 -13.36
C THR A 51 -4.47 10.80 -14.10
N MET A 52 -4.93 9.69 -13.54
CA MET A 52 -6.13 9.01 -14.00
C MET A 52 -7.35 9.38 -13.18
N ASN A 53 -7.19 10.16 -12.12
CA ASN A 53 -8.29 10.54 -11.25
C ASN A 53 -9.07 9.31 -10.79
N ILE A 54 -8.33 8.33 -10.28
CA ILE A 54 -8.96 7.13 -9.73
C ILE A 54 -9.79 7.52 -8.51
N ASP A 55 -11.04 7.08 -8.51
CA ASP A 55 -11.93 7.35 -7.38
C ASP A 55 -11.47 6.55 -6.17
N ARG A 56 -10.92 7.25 -5.17
CA ARG A 56 -10.47 6.63 -3.93
C ARG A 56 -11.29 7.10 -2.73
N ASN A 57 -12.47 7.64 -2.96
CA ASN A 57 -13.32 8.10 -1.86
C ASN A 57 -13.80 6.87 -1.08
N ILE A 58 -13.43 6.78 0.21
CA ILE A 58 -13.71 5.59 1.00
C ILE A 58 -15.22 5.37 1.13
N THR A 59 -16.03 6.44 1.09
CA THR A 59 -17.47 6.28 1.22
C THR A 59 -18.11 5.70 -0.04
N HIS A 60 -17.37 5.54 -1.13
CA HIS A 60 -17.92 4.94 -2.34
C HIS A 60 -17.72 3.44 -2.39
N LEU A 61 -17.00 2.87 -1.44
CA LEU A 61 -16.72 1.44 -1.45
C LEU A 61 -17.93 0.65 -0.96
N GLN A 62 -18.34 -0.33 -1.74
CA GLN A 62 -19.20 -1.36 -1.19
CA GLN A 62 -19.19 -1.38 -1.20
C GLN A 62 -18.34 -2.24 -0.28
N HIS A 63 -18.91 -2.63 0.85
CA HIS A 63 -18.11 -3.30 1.86
C HIS A 63 -19.00 -4.21 2.68
N CYS A 64 -18.39 -5.16 3.37
CA CYS A 64 -19.15 -6.13 4.13
C CYS A 64 -19.20 -5.77 5.61
N THR A 65 -20.09 -6.47 6.33
CA THR A 65 -20.26 -6.32 7.77
C THR A 65 -19.83 -7.55 8.55
N CYS A 66 -19.10 -8.46 7.92
CA CYS A 66 -18.68 -9.70 8.56
C CYS A 66 -17.73 -9.43 9.72
N VAL A 67 -17.82 -10.26 10.76
CA VAL A 67 -16.78 -10.33 11.77
C VAL A 67 -16.15 -11.72 11.88
N ASP A 68 -16.56 -12.65 11.01
CA ASP A 68 -15.85 -13.90 10.87
C ASP A 68 -14.77 -13.73 9.82
N ASP A 69 -14.38 -14.80 9.14
CA ASP A 69 -13.35 -14.76 8.13
C ASP A 69 -13.91 -14.52 6.73
N CYS A 70 -15.15 -14.03 6.63
CA CYS A 70 -15.81 -13.78 5.33
C CYS A 70 -15.97 -15.05 4.50
N SER A 71 -16.09 -16.20 5.15
CA SER A 71 -16.33 -17.45 4.43
C SER A 71 -17.80 -17.77 4.27
N SER A 72 -18.70 -16.98 4.85
CA SER A 72 -20.11 -17.27 4.79
C SER A 72 -20.75 -16.63 3.55
N SER A 73 -21.94 -17.12 3.20
CA SER A 73 -22.67 -16.56 2.07
C SER A 73 -23.24 -15.19 2.37
N ASN A 74 -23.15 -14.71 3.61
CA ASN A 74 -23.62 -13.38 3.97
C ASN A 74 -22.63 -12.28 3.61
N CYS A 75 -21.44 -12.62 3.16
CA CYS A 75 -20.43 -11.59 2.88
C CYS A 75 -20.82 -10.83 1.62
N LEU A 76 -21.11 -9.53 1.76
CA LEU A 76 -21.51 -8.73 0.61
C LEU A 76 -20.43 -8.73 -0.47
N CYS A 77 -19.16 -8.68 -0.06
CA CYS A 77 -18.08 -8.63 -1.03
C CYS A 77 -18.05 -9.90 -1.88
N GLY A 78 -18.26 -11.06 -1.26
CA GLY A 78 -18.42 -12.27 -2.04
C GLY A 78 -19.65 -12.22 -2.95
N GLN A 79 -20.73 -11.62 -2.47
CA GLN A 79 -21.93 -11.53 -3.29
C GLN A 79 -21.72 -10.64 -4.52
N LEU A 80 -20.82 -9.65 -4.43
CA LEU A 80 -20.54 -8.77 -5.57
C LEU A 80 -19.70 -9.47 -6.63
N SER A 81 -18.86 -10.43 -6.22
N SER A 81 -18.91 -10.46 -6.22
CA SER A 81 -17.94 -11.07 -7.15
CA SER A 81 -18.30 -11.40 -7.14
C SER A 81 -18.73 -11.90 -8.17
C SER A 81 -19.26 -12.52 -7.52
N ILE A 82 -18.30 -11.84 -9.43
N ILE A 82 -20.57 -12.31 -7.33
CA ILE A 82 -19.07 -12.40 -10.55
CA ILE A 82 -21.63 -13.31 -7.38
C ILE A 82 -18.47 -13.73 -10.98
C ILE A 82 -21.54 -14.21 -6.14
N ARG A 83 -19.26 -14.80 -10.88
N ARG A 83 -20.38 -14.80 -5.93
CA ARG A 83 -18.94 -16.11 -11.44
CA ARG A 83 -20.04 -15.50 -4.70
C ARG A 83 -17.67 -16.73 -10.87
C ARG A 83 -18.54 -15.34 -4.50
N CYS A 84 -17.29 -16.38 -9.64
N CYS A 84 -18.07 -15.55 -3.27
CA CYS A 84 -16.07 -16.92 -9.06
CA CYS A 84 -16.63 -15.54 -3.07
C CYS A 84 -16.07 -16.72 -7.56
C CYS A 84 -16.03 -16.77 -3.73
N TRP A 85 -15.21 -17.49 -6.88
N TRP A 85 -15.21 -16.55 -4.74
CA TRP A 85 -15.05 -17.37 -5.44
CA TRP A 85 -14.63 -17.63 -5.53
C TRP A 85 -13.73 -18.03 -5.03
C TRP A 85 -13.36 -18.19 -4.92
N TYR A 86 -13.28 -17.70 -3.82
N TYR A 86 -12.93 -17.66 -3.78
CA TYR A 86 -12.07 -18.27 -3.24
CA TYR A 86 -11.76 -18.17 -3.07
C TYR A 86 -12.43 -19.40 -2.28
C TYR A 86 -12.19 -19.26 -2.11
N ASP A 87 -11.59 -20.44 -2.24
CA ASP A 87 -11.79 -21.51 -1.28
C ASP A 87 -11.02 -21.21 0.00
N LYS A 88 -11.05 -22.15 0.95
CA LYS A 88 -10.39 -21.94 2.23
C LYS A 88 -8.89 -21.77 2.12
N ASP A 89 -8.29 -22.21 1.00
CA ASP A 89 -6.86 -22.14 0.78
C ASP A 89 -6.45 -20.93 -0.04
N GLY A 90 -7.38 -20.03 -0.34
CA GLY A 90 -7.05 -18.87 -1.16
C GLY A 90 -7.00 -19.17 -2.64
N ARG A 91 -7.55 -20.29 -3.07
CA ARG A 91 -7.52 -20.66 -4.48
C ARG A 91 -8.85 -20.32 -5.14
N LEU A 92 -8.76 -19.89 -6.40
CA LEU A 92 -9.90 -19.40 -7.14
C LEU A 92 -10.63 -20.55 -7.81
N LEU A 93 -11.95 -20.60 -7.64
CA LEU A 93 -12.82 -21.45 -8.42
C LEU A 93 -13.65 -20.58 -9.35
N GLN A 94 -13.90 -21.07 -10.56
CA GLN A 94 -14.73 -20.35 -11.52
C GLN A 94 -15.86 -21.21 -12.07
N GLU A 100 -19.28 -14.76 -20.13
CA GLU A 100 -19.08 -13.62 -19.24
C GLU A 100 -17.91 -13.85 -18.28
N PRO A 101 -16.88 -13.01 -18.39
CA PRO A 101 -15.67 -13.24 -17.60
C PRO A 101 -15.90 -12.95 -16.13
N PRO A 102 -15.15 -13.58 -15.24
CA PRO A 102 -15.35 -13.37 -13.81
C PRO A 102 -14.88 -11.98 -13.39
N LEU A 103 -15.30 -11.58 -12.20
CA LEU A 103 -14.91 -10.30 -11.62
C LEU A 103 -14.87 -10.45 -10.11
N ILE A 104 -13.73 -10.12 -9.50
CA ILE A 104 -13.52 -10.35 -8.08
C ILE A 104 -13.60 -9.02 -7.33
N PHE A 105 -14.44 -8.95 -6.29
CA PHE A 105 -14.39 -7.86 -5.32
C PHE A 105 -13.81 -8.39 -4.01
N GLU A 106 -12.57 -8.06 -3.74
CA GLU A 106 -11.98 -8.44 -2.46
C GLU A 106 -12.46 -7.49 -1.37
N CYS A 107 -12.28 -7.92 -0.13
CA CYS A 107 -12.56 -7.02 0.98
C CYS A 107 -11.56 -5.87 1.01
N ASN A 108 -11.91 -4.82 1.73
CA ASN A 108 -11.22 -3.55 1.65
C ASN A 108 -11.24 -2.86 3.01
N GLN A 109 -10.68 -1.65 3.05
CA GLN A 109 -10.50 -0.92 4.30
C GLN A 109 -11.83 -0.45 4.91
N ALA A 110 -12.91 -0.47 4.15
CA ALA A 110 -14.22 -0.12 4.69
C ALA A 110 -14.94 -1.31 5.31
N CYS A 111 -14.55 -2.54 4.97
CA CYS A 111 -15.22 -3.71 5.55
C CYS A 111 -14.94 -3.81 7.04
N SER A 112 -15.87 -4.44 7.76
CA SER A 112 -15.69 -4.62 9.20
C SER A 112 -14.79 -5.80 9.54
N CYS A 113 -14.43 -6.63 8.57
CA CYS A 113 -13.64 -7.83 8.83
C CYS A 113 -12.17 -7.47 9.05
N TRP A 114 -11.40 -8.49 9.41
CA TRP A 114 -9.96 -8.32 9.60
C TRP A 114 -9.19 -8.45 8.30
N ARG A 115 -7.97 -7.91 8.31
CA ARG A 115 -7.10 -7.88 7.14
C ARG A 115 -6.74 -9.29 6.65
N ASN A 116 -6.91 -10.30 7.50
CA ASN A 116 -6.56 -11.68 7.15
C ASN A 116 -7.79 -12.54 6.84
N CYS A 117 -8.90 -11.92 6.43
CA CYS A 117 -10.07 -12.72 6.08
C CYS A 117 -9.81 -13.49 4.79
N LYS A 118 -10.76 -14.35 4.43
CA LYS A 118 -10.61 -15.22 3.28
C LYS A 118 -10.77 -14.52 1.94
N ASN A 119 -11.07 -13.22 1.92
CA ASN A 119 -11.31 -12.54 0.65
C ASN A 119 -10.25 -11.47 0.42
N ARG A 120 -8.96 -11.86 0.54
CA ARG A 120 -7.84 -10.91 0.49
C ARG A 120 -6.67 -11.47 -0.31
N VAL A 121 -6.92 -12.36 -1.26
CA VAL A 121 -5.83 -13.13 -1.86
C VAL A 121 -4.91 -12.24 -2.68
N VAL A 122 -5.46 -11.49 -3.63
CA VAL A 122 -4.61 -10.70 -4.53
C VAL A 122 -3.93 -9.57 -3.77
N GLN A 123 -4.66 -8.93 -2.86
CA GLN A 123 -4.04 -7.82 -2.15
C GLN A 123 -2.92 -8.27 -1.21
N SER A 124 -2.80 -9.57 -0.93
CA SER A 124 -1.74 -10.08 -0.07
C SER A 124 -0.46 -10.40 -0.82
N GLY A 125 -0.47 -10.34 -2.15
CA GLY A 125 0.78 -10.36 -2.90
C GLY A 125 1.25 -11.74 -3.32
N ILE A 126 2.46 -11.74 -3.90
CA ILE A 126 3.01 -12.96 -4.47
C ILE A 126 3.40 -13.91 -3.34
N LYS A 127 2.98 -15.18 -3.46
CA LYS A 127 3.39 -16.22 -2.53
C LYS A 127 4.15 -17.35 -3.20
N VAL A 128 3.93 -17.58 -4.50
CA VAL A 128 4.63 -18.66 -5.17
C VAL A 128 6.02 -18.19 -5.59
N ARG A 129 6.93 -19.15 -5.75
CA ARG A 129 8.29 -18.87 -6.19
C ARG A 129 8.39 -18.96 -7.71
N LEU A 130 8.85 -17.85 -8.32
CA LEU A 130 8.95 -17.67 -9.76
C LEU A 130 10.38 -17.33 -10.11
N GLN A 131 10.73 -17.57 -11.36
CA GLN A 131 12.07 -17.25 -11.84
C GLN A 131 11.96 -16.58 -13.21
N LEU A 132 12.66 -15.47 -13.39
CA LEU A 132 12.86 -14.89 -14.71
C LEU A 132 14.02 -15.61 -15.38
N TYR A 133 13.80 -16.16 -16.56
CA TYR A 133 14.83 -16.97 -17.19
C TYR A 133 14.85 -16.72 -18.70
N ARG A 134 15.97 -17.05 -19.32
CA ARG A 134 16.15 -16.85 -20.75
C ARG A 134 15.62 -18.10 -21.46
N THR A 135 14.61 -17.92 -22.31
CA THR A 135 14.11 -19.03 -23.09
C THR A 135 14.94 -19.20 -24.36
N ALA A 136 14.71 -20.32 -25.03
CA ALA A 136 15.46 -20.63 -26.24
C ALA A 136 15.06 -19.74 -27.41
N LYS A 137 13.77 -19.44 -27.54
CA LYS A 137 13.25 -18.80 -28.75
C LYS A 137 12.29 -17.64 -28.51
N MET A 138 11.95 -17.34 -27.26
CA MET A 138 10.94 -16.33 -26.96
C MET A 138 11.47 -15.25 -26.04
N GLY A 139 12.78 -15.01 -26.03
CA GLY A 139 13.31 -13.97 -25.17
C GLY A 139 13.30 -14.38 -23.72
N TRP A 140 13.06 -13.41 -22.84
CA TRP A 140 12.87 -13.73 -21.43
C TRP A 140 11.48 -14.34 -21.22
N GLY A 141 11.39 -15.21 -20.22
CA GLY A 141 10.12 -15.77 -19.80
C GLY A 141 10.12 -15.96 -18.30
N VAL A 142 9.00 -16.44 -17.78
CA VAL A 142 8.86 -16.65 -16.34
C VAL A 142 8.46 -18.10 -16.14
N ARG A 143 9.13 -18.79 -15.21
CA ARG A 143 8.79 -20.17 -14.92
C ARG A 143 8.59 -20.40 -13.43
N ALA A 144 7.86 -21.47 -13.12
CA ALA A 144 7.59 -21.84 -11.75
C ALA A 144 8.81 -22.50 -11.12
N LEU A 145 9.08 -22.16 -9.86
CA LEU A 145 10.10 -22.86 -9.08
C LEU A 145 9.50 -23.86 -8.09
N GLN A 146 8.21 -24.13 -8.20
CA GLN A 146 7.54 -25.03 -7.28
C GLN A 146 6.29 -25.55 -7.98
N THR A 147 5.69 -26.58 -7.39
CA THR A 147 4.34 -26.96 -7.80
C THR A 147 3.37 -25.84 -7.44
N ILE A 148 2.49 -25.50 -8.37
CA ILE A 148 1.48 -24.48 -8.17
C ILE A 148 0.12 -25.12 -8.43
N PRO A 149 -0.65 -25.43 -7.40
CA PRO A 149 -1.96 -26.05 -7.61
C PRO A 149 -2.88 -25.16 -8.42
N GLN A 150 -3.81 -25.80 -9.13
CA GLN A 150 -4.82 -25.07 -9.89
C GLN A 150 -5.52 -24.04 -9.01
N GLY A 151 -5.72 -22.84 -9.57
CA GLY A 151 -6.44 -21.78 -8.90
C GLY A 151 -5.62 -20.92 -7.99
N THR A 152 -4.31 -21.11 -7.96
CA THR A 152 -3.46 -20.33 -7.06
C THR A 152 -3.15 -18.98 -7.69
N PHE A 153 -3.20 -17.92 -6.87
CA PHE A 153 -2.76 -16.62 -7.33
C PHE A 153 -1.26 -16.63 -7.60
N ILE A 154 -0.88 -16.10 -8.76
CA ILE A 154 0.52 -16.09 -9.20
C ILE A 154 1.11 -14.70 -9.04
N CYS A 155 0.56 -13.72 -9.75
CA CYS A 155 1.10 -12.37 -9.74
C CYS A 155 0.10 -11.47 -10.47
N GLU A 156 0.29 -10.17 -10.31
CA GLU A 156 -0.55 -9.16 -10.94
C GLU A 156 0.14 -8.62 -12.19
N TYR A 157 -0.66 -8.27 -13.21
CA TYR A 157 -0.11 -7.53 -14.35
C TYR A 157 0.00 -6.07 -13.94
N VAL A 158 1.21 -5.62 -13.63
CA VAL A 158 1.49 -4.29 -13.11
C VAL A 158 2.19 -3.45 -14.17
N GLY A 159 1.79 -2.19 -14.25
CA GLY A 159 2.49 -1.26 -15.13
C GLY A 159 1.94 0.13 -15.00
N GLU A 160 2.12 0.91 -16.07
CA GLU A 160 1.70 2.30 -16.12
C GLU A 160 0.27 2.37 -16.66
N LEU A 161 -0.63 2.99 -15.89
CA LEU A 161 -2.01 3.17 -16.33
C LEU A 161 -2.06 4.29 -17.35
N ILE A 162 -2.61 4.00 -18.54
CA ILE A 162 -2.71 5.00 -19.59
C ILE A 162 -4.08 4.94 -20.26
N SER A 163 -4.46 6.06 -20.86
CA SER A 163 -5.70 6.13 -21.60
C SER A 163 -5.58 5.37 -22.93
N ASP A 164 -6.74 5.09 -23.51
CA ASP A 164 -6.77 4.47 -24.83
C ASP A 164 -6.07 5.33 -25.87
N ALA A 165 -6.27 6.65 -25.80
CA ALA A 165 -5.63 7.55 -26.74
C ALA A 165 -4.11 7.49 -26.61
N GLU A 166 -3.60 7.44 -25.38
CA GLU A 166 -2.15 7.37 -25.18
C GLU A 166 -1.61 6.04 -25.68
N ALA A 167 -2.33 4.94 -25.43
CA ALA A 167 -1.90 3.64 -25.93
C ALA A 167 -1.78 3.65 -27.46
N ASP A 168 -2.63 4.40 -28.15
CA ASP A 168 -2.61 4.43 -29.60
C ASP A 168 -1.33 5.03 -30.15
N VAL A 169 -0.76 6.02 -29.46
CA VAL A 169 0.44 6.69 -29.97
C VAL A 169 1.74 6.04 -29.52
N ARG A 170 1.69 5.04 -28.65
CA ARG A 170 2.91 4.46 -28.09
C ARG A 170 3.62 3.61 -29.14
N GLU A 171 4.96 3.68 -29.13
CA GLU A 171 5.74 3.03 -30.17
C GLU A 171 5.77 1.51 -30.00
N ASP A 172 6.07 1.04 -28.79
CA ASP A 172 6.22 -0.38 -28.50
C ASP A 172 4.98 -0.83 -27.74
N ASP A 173 4.19 -1.71 -28.36
CA ASP A 173 2.98 -2.24 -27.75
C ASP A 173 3.13 -3.67 -27.26
N SER A 174 4.37 -4.18 -27.16
CA SER A 174 4.63 -5.55 -26.75
C SER A 174 4.28 -5.83 -25.30
N TYR A 175 3.99 -4.80 -24.51
CA TYR A 175 3.67 -4.95 -23.10
C TYR A 175 2.37 -4.26 -22.75
N LEU A 176 1.49 -4.07 -23.72
CA LEU A 176 0.25 -3.31 -23.56
C LEU A 176 -0.90 -4.26 -23.25
N PHE A 177 -1.54 -4.08 -22.09
CA PHE A 177 -2.64 -4.92 -21.64
C PHE A 177 -3.91 -4.09 -21.61
N ASP A 178 -4.90 -4.48 -22.39
CA ASP A 178 -6.17 -3.77 -22.48
C ASP A 178 -7.10 -4.29 -21.38
N LEU A 179 -7.61 -3.36 -20.56
CA LEU A 179 -8.50 -3.75 -19.46
C LEU A 179 -9.88 -4.20 -19.94
N ASP A 180 -10.22 -3.94 -21.20
CA ASP A 180 -11.45 -4.45 -21.83
C ASP A 180 -12.70 -3.91 -21.15
N ASN A 181 -12.64 -2.64 -20.74
CA ASN A 181 -13.78 -1.93 -20.16
C ASN A 181 -14.94 -1.95 -21.14
N LYS A 182 -15.96 -2.76 -20.86
CA LYS A 182 -17.11 -2.90 -21.76
C LYS A 182 -18.09 -1.76 -21.64
N ASP A 183 -18.00 -0.94 -20.60
CA ASP A 183 -18.98 0.13 -20.38
C ASP A 183 -18.52 1.45 -20.97
N GLY A 184 -17.66 2.19 -20.26
CA GLY A 184 -17.33 3.53 -20.66
C GLY A 184 -15.88 3.77 -21.06
N GLU A 185 -15.16 4.55 -20.25
CA GLU A 185 -13.82 5.00 -20.61
C GLU A 185 -12.85 3.82 -20.69
N VAL A 186 -11.97 3.85 -21.69
CA VAL A 186 -11.09 2.73 -22.02
C VAL A 186 -9.67 3.04 -21.52
N TYR A 187 -9.13 2.13 -20.70
CA TYR A 187 -7.78 2.28 -20.16
C TYR A 187 -6.97 1.01 -20.37
N CYS A 188 -5.66 1.19 -20.30
CA CYS A 188 -4.70 0.12 -20.54
CA CYS A 188 -4.70 0.13 -20.55
C CYS A 188 -3.60 0.17 -19.49
N ILE A 189 -2.96 -0.96 -19.27
CA ILE A 189 -1.75 -1.04 -18.48
C ILE A 189 -0.59 -1.26 -19.44
N ASP A 190 0.33 -0.31 -19.51
CA ASP A 190 1.50 -0.44 -20.37
C ASP A 190 2.67 -0.78 -19.47
N ALA A 191 3.22 -1.98 -19.62
CA ALA A 191 4.38 -2.38 -18.83
C ALA A 191 5.72 -2.17 -19.56
N ARG A 192 5.73 -1.40 -20.65
CA ARG A 192 6.97 -1.22 -21.39
C ARG A 192 8.02 -0.47 -20.56
N TYR A 193 7.63 0.65 -19.94
CA TYR A 193 8.60 1.48 -19.22
C TYR A 193 8.61 1.21 -17.73
N TYR A 194 7.47 0.88 -17.16
CA TYR A 194 7.35 0.53 -15.75
C TYR A 194 6.53 -0.74 -15.69
N GLY A 195 7.04 -1.76 -15.01
CA GLY A 195 6.27 -2.99 -14.90
C GLY A 195 6.84 -3.90 -13.85
N ASN A 196 6.14 -5.01 -13.61
CA ASN A 196 6.65 -6.03 -12.70
C ASN A 196 7.01 -7.30 -13.46
N ILE A 197 7.13 -8.42 -12.72
CA ILE A 197 7.51 -9.70 -13.31
C ILE A 197 6.58 -10.13 -14.44
N SER A 198 5.31 -9.71 -14.40
CA SER A 198 4.34 -10.16 -15.40
CA SER A 198 4.34 -10.16 -15.40
C SER A 198 4.67 -9.68 -16.81
N ARG A 199 5.44 -8.59 -16.94
CA ARG A 199 5.77 -8.09 -18.28
C ARG A 199 6.59 -9.10 -19.05
N PHE A 200 7.17 -10.10 -18.36
CA PHE A 200 8.00 -11.10 -19.01
C PHE A 200 7.27 -12.40 -19.28
N ILE A 201 5.98 -12.51 -18.93
CA ILE A 201 5.24 -13.74 -19.16
C ILE A 201 4.84 -13.83 -20.62
N ASN A 202 5.24 -14.93 -21.27
CA ASN A 202 5.01 -15.11 -22.70
C ASN A 202 3.62 -15.66 -22.99
N HIS A 203 3.27 -15.63 -24.27
CA HIS A 203 2.04 -16.24 -24.75
C HIS A 203 2.25 -17.74 -24.93
N LEU A 204 1.28 -18.53 -24.45
CA LEU A 204 1.23 -19.96 -24.73
C LEU A 204 -0.12 -20.31 -25.34
N CYS A 205 -0.10 -21.10 -26.41
CA CYS A 205 -1.33 -21.64 -26.97
C CYS A 205 -1.94 -22.71 -26.07
N ASP A 206 -1.14 -23.31 -25.20
CA ASP A 206 -1.63 -24.21 -24.16
CA ASP A 206 -1.65 -24.19 -24.16
C ASP A 206 -1.40 -23.50 -22.83
N PRO A 207 -2.16 -22.46 -22.51
CA PRO A 207 -1.82 -21.63 -21.35
C PRO A 207 -2.06 -22.37 -20.03
N ASN A 208 -1.33 -21.93 -19.01
CA ASN A 208 -1.50 -22.46 -17.67
C ASN A 208 -1.86 -21.40 -16.64
N ILE A 209 -2.00 -20.13 -17.03
CA ILE A 209 -2.53 -19.09 -16.16
C ILE A 209 -3.59 -18.29 -16.91
N ILE A 210 -4.47 -17.66 -16.15
CA ILE A 210 -5.53 -16.83 -16.73
C ILE A 210 -5.60 -15.49 -16.02
N PRO A 211 -5.79 -14.40 -16.76
CA PRO A 211 -6.00 -13.09 -16.13
C PRO A 211 -7.45 -12.92 -15.68
N VAL A 212 -7.61 -12.35 -14.49
CA VAL A 212 -8.90 -12.10 -13.87
C VAL A 212 -8.91 -10.66 -13.35
N ARG A 213 -10.00 -9.94 -13.62
CA ARG A 213 -10.15 -8.57 -13.16
C ARG A 213 -10.56 -8.54 -11.69
N VAL A 214 -9.93 -7.66 -10.90
CA VAL A 214 -10.11 -7.65 -9.45
C VAL A 214 -10.17 -6.22 -8.95
N PHE A 215 -11.00 -6.00 -7.93
CA PHE A 215 -11.03 -4.75 -7.18
C PHE A 215 -10.67 -4.99 -5.73
N MET A 216 -9.86 -4.09 -5.19
CA MET A 216 -9.33 -4.20 -3.84
C MET A 216 -9.54 -2.91 -3.06
N LEU A 217 -8.58 -2.00 -3.10
CA LEU A 217 -8.63 -0.81 -2.25
C LEU A 217 -9.41 0.34 -2.85
N HIS A 218 -9.88 0.21 -4.09
CA HIS A 218 -10.80 1.14 -4.71
C HIS A 218 -11.77 0.33 -5.55
N GLN A 219 -12.90 0.94 -5.91
CA GLN A 219 -13.86 0.28 -6.78
C GLN A 219 -14.22 1.19 -7.94
N ASP A 220 -13.22 1.91 -8.44
CA ASP A 220 -13.39 2.65 -9.69
C ASP A 220 -13.41 1.66 -10.83
N LEU A 221 -14.60 1.42 -11.40
CA LEU A 221 -14.78 0.32 -12.34
C LEU A 221 -14.02 0.51 -13.65
N ARG A 222 -13.51 1.72 -13.91
CA ARG A 222 -12.65 1.92 -15.08
C ARG A 222 -11.30 1.23 -14.93
N PHE A 223 -10.90 0.92 -13.70
CA PHE A 223 -9.53 0.49 -13.40
C PHE A 223 -9.49 -0.83 -12.65
N PRO A 224 -10.01 -1.91 -13.23
CA PRO A 224 -9.76 -3.23 -12.63
C PRO A 224 -8.27 -3.50 -12.62
N ARG A 225 -7.83 -4.21 -11.60
CA ARG A 225 -6.47 -4.72 -11.57
C ARG A 225 -6.50 -6.14 -12.12
N ILE A 226 -5.37 -6.57 -12.68
CA ILE A 226 -5.31 -7.82 -13.43
C ILE A 226 -4.51 -8.83 -12.64
N ALA A 227 -5.16 -9.90 -12.19
CA ALA A 227 -4.53 -10.94 -11.38
C ALA A 227 -4.44 -12.23 -12.19
N PHE A 228 -3.26 -12.83 -12.22
CA PHE A 228 -3.09 -14.14 -12.85
C PHE A 228 -3.28 -15.26 -11.85
N PHE A 229 -4.12 -16.23 -12.20
CA PHE A 229 -4.31 -17.44 -11.42
C PHE A 229 -3.98 -18.64 -12.29
N SER A 230 -3.44 -19.68 -11.69
CA SER A 230 -3.19 -20.89 -12.45
C SER A 230 -4.51 -21.54 -12.86
N SER A 231 -4.55 -22.03 -14.10
CA SER A 231 -5.73 -22.68 -14.64
C SER A 231 -5.65 -24.20 -14.54
N ARG A 232 -4.50 -24.72 -14.11
CA ARG A 232 -4.31 -26.14 -13.87
C ARG A 232 -3.16 -26.25 -12.87
N ASP A 233 -2.91 -27.48 -12.40
CA ASP A 233 -1.71 -27.73 -11.61
C ASP A 233 -0.49 -27.51 -12.48
N ILE A 234 0.47 -26.72 -11.98
CA ILE A 234 1.71 -26.43 -12.69
C ILE A 234 2.87 -27.06 -11.93
N ARG A 235 3.83 -27.61 -12.66
CA ARG A 235 4.97 -28.28 -12.06
C ARG A 235 6.20 -27.38 -12.10
N THR A 236 7.12 -27.60 -11.15
CA THR A 236 8.38 -26.87 -11.14
C THR A 236 9.03 -26.93 -12.51
N GLY A 237 9.53 -25.78 -12.95
CA GLY A 237 10.21 -25.67 -14.21
C GLY A 237 9.33 -25.32 -15.39
N GLU A 238 8.02 -25.46 -15.25
CA GLU A 238 7.15 -25.12 -16.38
C GLU A 238 7.14 -23.62 -16.61
N GLU A 239 7.23 -23.23 -17.89
CA GLU A 239 7.05 -21.84 -18.25
C GLU A 239 5.61 -21.41 -18.00
N LEU A 240 5.43 -20.25 -17.37
CA LEU A 240 4.10 -19.68 -17.22
C LEU A 240 3.71 -18.94 -18.49
N GLY A 241 2.43 -19.02 -18.84
CA GLY A 241 1.96 -18.34 -20.02
C GLY A 241 0.46 -18.25 -20.02
N PHE A 242 -0.05 -17.16 -20.59
CA PHE A 242 -1.48 -16.99 -20.83
C PHE A 242 -1.73 -16.79 -22.32
N ASP A 243 -3.00 -16.93 -22.70
CA ASP A 243 -3.42 -16.69 -24.08
C ASP A 243 -3.50 -15.18 -24.26
N TYR A 244 -2.56 -14.61 -25.03
CA TYR A 244 -2.59 -13.16 -25.28
C TYR A 244 -3.85 -12.76 -26.03
N GLY A 245 -4.45 -13.67 -26.79
CA GLY A 245 -5.68 -13.41 -27.51
C GLY A 245 -5.45 -13.16 -29.00
N ASP A 246 -6.53 -13.31 -29.77
CA ASP A 246 -6.42 -13.21 -31.22
C ASP A 246 -6.15 -11.78 -31.68
N ARG A 247 -6.59 -10.78 -30.92
CA ARG A 247 -6.33 -9.39 -31.31
C ARG A 247 -4.83 -9.09 -31.35
N PHE A 248 -4.10 -9.53 -30.33
CA PHE A 248 -2.65 -9.40 -30.34
C PHE A 248 -2.05 -10.08 -31.58
N TRP A 249 -2.44 -11.33 -31.82
CA TRP A 249 -1.79 -12.10 -32.87
C TRP A 249 -2.21 -11.66 -34.27
N ASP A 250 -3.43 -11.13 -34.43
CA ASP A 250 -3.83 -10.60 -35.73
C ASP A 250 -2.93 -9.44 -36.14
N ILE A 251 -2.37 -8.73 -35.17
CA ILE A 251 -1.44 -7.63 -35.43
C ILE A 251 -0.01 -8.13 -35.53
N LYS A 252 0.42 -8.97 -34.57
CA LYS A 252 1.83 -9.30 -34.42
C LYS A 252 2.29 -10.41 -35.36
N SER A 253 1.39 -11.26 -35.85
CA SER A 253 1.81 -12.42 -36.64
C SER A 253 2.49 -12.01 -37.96
N LYS A 254 2.26 -10.79 -38.44
CA LYS A 254 2.96 -10.31 -39.61
C LYS A 254 4.45 -10.13 -39.36
N TYR A 255 4.85 -9.96 -38.11
CA TYR A 255 6.23 -9.67 -37.73
C TYR A 255 6.96 -10.86 -37.13
N PHE A 256 6.25 -11.74 -36.41
CA PHE A 256 6.83 -12.94 -35.86
C PHE A 256 5.72 -13.93 -35.58
N THR A 257 6.05 -15.22 -35.62
CA THR A 257 5.06 -16.26 -35.39
C THR A 257 5.26 -16.91 -34.03
N CYS A 258 4.26 -17.67 -33.60
CA CYS A 258 4.28 -18.21 -32.26
C CYS A 258 5.28 -19.34 -32.15
N GLN A 259 6.12 -19.29 -31.12
CA GLN A 259 7.14 -20.29 -30.89
C GLN A 259 6.81 -21.20 -29.71
N CYS A 260 5.54 -21.25 -29.29
CA CYS A 260 5.18 -21.99 -28.09
C CYS A 260 5.39 -23.50 -28.22
N GLY A 261 5.37 -24.04 -29.44
CA GLY A 261 5.65 -25.45 -29.63
C GLY A 261 4.48 -26.38 -29.36
N SER A 262 3.31 -25.85 -29.07
CA SER A 262 2.17 -26.71 -28.78
C SER A 262 1.77 -27.51 -30.01
N GLU A 263 1.34 -28.75 -29.79
CA GLU A 263 0.78 -29.54 -30.88
C GLU A 263 -0.43 -28.87 -31.49
N LYS A 264 -1.13 -28.05 -30.72
CA LYS A 264 -2.31 -27.32 -31.17
C LYS A 264 -2.05 -25.82 -31.23
N CYS A 265 -0.82 -25.42 -31.56
CA CYS A 265 -0.48 -24.01 -31.66
C CYS A 265 -1.36 -23.36 -32.72
N LYS A 266 -1.89 -22.19 -32.40
CA LYS A 266 -2.85 -21.51 -33.26
C LYS A 266 -2.22 -20.39 -34.08
N HIS A 267 -0.95 -20.05 -33.81
CA HIS A 267 -0.36 -18.83 -34.34
C HIS A 267 1.05 -19.07 -34.90
N SER A 268 1.41 -20.32 -35.14
CA SER A 268 2.70 -20.64 -35.73
C SER A 268 2.66 -20.36 -37.23
N ALA A 269 3.85 -20.35 -37.85
CA ALA A 269 3.91 -20.20 -39.30
C ALA A 269 3.12 -21.32 -39.97
N GLU A 270 3.17 -22.52 -39.39
CA GLU A 270 2.41 -23.65 -39.91
C GLU A 270 0.91 -23.39 -39.82
N ALA A 271 0.43 -22.90 -38.67
CA ALA A 271 -0.99 -22.63 -38.51
C ALA A 271 -1.45 -21.51 -39.44
N ILE A 272 -0.62 -20.48 -39.58
CA ILE A 272 -0.96 -19.35 -40.45
C ILE A 272 -1.06 -19.81 -41.90
N ALA A 273 -0.15 -20.68 -42.33
CA ALA A 273 -0.17 -21.17 -43.70
C ALA A 273 -1.44 -21.95 -43.99
N LEU A 274 -1.92 -22.71 -43.00
CA LEU A 274 -3.16 -23.46 -43.18
C LEU A 274 -4.35 -22.50 -43.30
N GLU A 275 -4.41 -21.49 -42.42
CA GLU A 275 -5.51 -20.54 -42.48
C GLU A 275 -5.52 -19.78 -43.79
N GLN A 276 -4.34 -19.47 -44.34
CA GLN A 276 -4.29 -18.85 -45.66
C GLN A 276 -4.73 -19.80 -46.75
N SER A 277 -4.50 -21.11 -46.57
CA SER A 277 -4.99 -22.09 -47.54
C SER A 277 -6.51 -22.07 -47.62
N ARG A 278 -7.18 -21.88 -46.49
CA ARG A 278 -8.64 -21.76 -46.48
C ARG A 278 -9.07 -20.53 -47.27
N ARG B 7 -10.37 -3.27 41.12
CA ARG B 7 -10.97 -3.53 39.82
C ARG B 7 -10.00 -4.23 38.87
N THR B 8 -10.47 -5.29 38.22
CA THR B 8 -9.64 -6.04 37.29
C THR B 8 -9.49 -5.28 35.98
N GLU B 9 -8.30 -5.35 35.41
CA GLU B 9 -8.02 -4.75 34.10
C GLU B 9 -8.47 -5.73 33.03
N LYS B 10 -9.65 -5.47 32.44
CA LYS B 10 -10.23 -6.39 31.47
C LYS B 10 -9.66 -6.13 30.08
N ILE B 11 -9.20 -7.20 29.43
CA ILE B 11 -8.77 -7.16 28.03
C ILE B 11 -10.02 -7.23 27.16
N ILE B 12 -10.33 -6.14 26.46
CA ILE B 12 -11.63 -5.99 25.81
C ILE B 12 -11.57 -6.02 24.30
N CYS B 13 -10.38 -5.96 23.71
CA CYS B 13 -10.24 -6.17 22.28
C CYS B 13 -8.82 -6.65 22.02
N ARG B 14 -8.69 -7.76 21.29
CA ARG B 14 -7.36 -8.28 21.00
C ARG B 14 -6.57 -7.39 20.06
N ASP B 15 -7.25 -6.66 19.18
CA ASP B 15 -6.52 -5.81 18.21
C ASP B 15 -7.52 -4.83 17.62
N VAL B 16 -7.44 -3.57 18.06
CA VAL B 16 -8.35 -2.55 17.53
C VAL B 16 -8.07 -2.28 16.05
N ALA B 17 -6.90 -2.67 15.55
CA ALA B 17 -6.53 -2.45 14.16
C ALA B 17 -6.97 -3.58 13.23
N ARG B 18 -7.58 -4.64 13.77
CA ARG B 18 -8.14 -5.72 12.94
C ARG B 18 -7.09 -6.32 12.01
N GLY B 19 -5.86 -6.46 12.50
CA GLY B 19 -4.80 -7.08 11.73
C GLY B 19 -4.17 -6.20 10.67
N TYR B 20 -4.51 -4.90 10.62
CA TYR B 20 -3.95 -4.06 9.58
C TYR B 20 -2.56 -3.52 9.90
N GLU B 21 -2.12 -3.57 11.16
CA GLU B 21 -0.76 -3.14 11.47
C GLU B 21 0.17 -4.34 11.52
N ASN B 22 1.48 -4.06 11.61
CA ASN B 22 2.46 -5.14 11.72
C ASN B 22 2.31 -5.92 13.02
N VAL B 23 1.74 -5.31 14.05
CA VAL B 23 1.56 -5.93 15.35
C VAL B 23 0.14 -5.63 15.81
N PRO B 24 -0.44 -6.45 16.66
CA PRO B 24 -1.76 -6.13 17.21
C PRO B 24 -1.66 -4.96 18.17
N ILE B 25 -2.79 -4.27 18.32
CA ILE B 25 -2.89 -3.19 19.30
C ILE B 25 -4.10 -3.50 20.18
N PRO B 26 -3.89 -4.17 21.30
CA PRO B 26 -5.03 -4.54 22.15
C PRO B 26 -5.56 -3.35 22.94
N CYS B 27 -6.78 -3.53 23.45
CA CYS B 27 -7.44 -2.53 24.28
C CYS B 27 -7.80 -3.15 25.62
N VAL B 28 -7.49 -2.42 26.70
CA VAL B 28 -7.84 -2.85 28.05
C VAL B 28 -8.48 -1.67 28.78
N ASN B 29 -9.25 -2.00 29.81
CA ASN B 29 -9.86 -0.98 30.64
C ASN B 29 -9.87 -1.49 32.07
N GLY B 30 -9.00 -0.94 32.91
CA GLY B 30 -8.98 -1.27 34.32
C GLY B 30 -9.51 -0.15 35.20
N VAL B 31 -10.22 0.81 34.60
CA VAL B 31 -10.63 2.02 35.30
C VAL B 31 -12.15 2.09 35.47
N ASP B 32 -12.91 1.85 34.41
CA ASP B 32 -14.35 2.08 34.48
C ASP B 32 -15.06 1.09 33.56
N GLY B 33 -16.36 1.31 33.36
CA GLY B 33 -17.18 0.43 32.57
C GLY B 33 -17.29 0.78 31.11
N GLU B 34 -16.48 1.72 30.62
CA GLU B 34 -16.58 2.17 29.24
C GLU B 34 -16.24 1.02 28.30
N PRO B 35 -17.08 0.75 27.30
CA PRO B 35 -16.75 -0.26 26.31
C PRO B 35 -15.65 0.20 25.37
N CYS B 36 -15.05 -0.77 24.68
CA CYS B 36 -14.04 -0.46 23.68
C CYS B 36 -14.61 0.56 22.69
N PRO B 37 -13.86 1.61 22.35
CA PRO B 37 -14.44 2.68 21.51
C PRO B 37 -14.79 2.16 20.12
N GLU B 38 -16.00 2.48 19.67
CA GLU B 38 -16.46 2.04 18.36
C GLU B 38 -17.14 3.16 17.59
N ASP B 39 -17.03 4.41 18.05
CA ASP B 39 -17.62 5.57 17.39
CA ASP B 39 -17.64 5.54 17.36
C ASP B 39 -16.74 6.12 16.28
N TYR B 40 -15.88 5.30 15.70
CA TYR B 40 -15.01 5.70 14.61
C TYR B 40 -14.71 4.44 13.83
N LYS B 41 -14.10 4.61 12.66
CA LYS B 41 -13.67 3.49 11.83
C LYS B 41 -12.15 3.44 11.85
N TYR B 42 -11.59 2.33 12.31
CA TYR B 42 -10.13 2.20 12.31
C TYR B 42 -9.64 2.01 10.88
N ILE B 43 -8.73 2.88 10.45
CA ILE B 43 -8.05 2.75 9.16
C ILE B 43 -6.56 2.85 9.43
N SER B 44 -5.77 2.05 8.72
CA SER B 44 -4.32 2.09 8.93
C SER B 44 -3.61 3.12 8.06
N GLU B 45 -4.26 3.62 7.02
CA GLU B 45 -3.68 4.63 6.14
C GLU B 45 -4.73 5.71 5.88
N ASN B 46 -4.26 6.92 5.57
CA ASN B 46 -5.16 8.05 5.40
C ASN B 46 -6.21 7.77 4.33
N CYS B 47 -7.39 8.36 4.51
CA CYS B 47 -8.47 8.18 3.55
C CYS B 47 -8.95 9.55 3.09
N GLU B 48 -9.80 9.54 2.06
CA GLU B 48 -10.46 10.75 1.61
C GLU B 48 -11.95 10.48 1.45
N THR B 49 -12.77 11.48 1.79
CA THR B 49 -14.22 11.40 1.61
C THR B 49 -14.70 12.44 0.60
N SER B 50 -13.78 13.10 -0.07
CA SER B 50 -14.05 13.95 -1.23
C SER B 50 -12.85 13.82 -2.15
N THR B 51 -12.88 14.52 -3.29
CA THR B 51 -11.79 14.37 -4.24
C THR B 51 -10.54 15.08 -3.70
N MET B 52 -9.57 14.29 -3.26
CA MET B 52 -8.23 14.82 -3.04
C MET B 52 -7.31 14.53 -4.20
N ASN B 53 -7.41 13.33 -4.78
CA ASN B 53 -6.63 12.91 -5.93
C ASN B 53 -5.14 13.21 -5.73
N ILE B 54 -4.55 12.47 -4.80
CA ILE B 54 -3.13 12.68 -4.48
C ILE B 54 -2.28 12.51 -5.73
N ASP B 55 -1.33 13.42 -5.91
CA ASP B 55 -0.42 13.37 -7.05
C ASP B 55 0.59 12.26 -6.81
N ARG B 56 0.46 11.15 -7.54
CA ARG B 56 1.36 10.02 -7.42
C ARG B 56 2.19 9.79 -8.67
N ASN B 57 2.27 10.78 -9.57
CA ASN B 57 3.04 10.69 -10.81
CA ASN B 57 3.02 10.63 -10.81
C ASN B 57 4.45 10.20 -10.52
N ILE B 58 4.79 8.97 -10.90
CA ILE B 58 6.11 8.42 -10.59
C ILE B 58 7.23 9.28 -11.19
N THR B 59 6.96 9.98 -12.30
CA THR B 59 7.94 10.89 -12.87
C THR B 59 8.05 12.20 -12.09
N HIS B 60 7.15 12.48 -11.15
CA HIS B 60 7.26 13.69 -10.34
C HIS B 60 8.15 13.49 -9.13
N LEU B 61 8.48 12.26 -8.79
CA LEU B 61 9.19 11.96 -7.55
C LEU B 61 10.66 12.31 -7.68
N GLN B 62 11.18 13.08 -6.74
CA GLN B 62 12.62 13.15 -6.58
C GLN B 62 13.08 11.83 -5.98
N HIS B 63 14.23 11.35 -6.43
CA HIS B 63 14.63 10.00 -6.05
C HIS B 63 16.14 9.88 -6.15
N CYS B 64 16.68 8.84 -5.55
CA CYS B 64 18.13 8.65 -5.53
C CYS B 64 18.56 7.59 -6.54
N THR B 65 19.88 7.56 -6.77
CA THR B 65 20.52 6.60 -7.67
C THR B 65 21.47 5.66 -6.93
N CYS B 66 21.35 5.58 -5.60
CA CYS B 66 22.28 4.79 -4.80
C CYS B 66 22.27 3.32 -5.20
N VAL B 67 23.46 2.72 -5.23
CA VAL B 67 23.61 1.27 -5.41
C VAL B 67 24.00 0.58 -4.12
N ASP B 68 23.98 1.31 -3.00
CA ASP B 68 24.23 0.74 -1.69
C ASP B 68 22.90 0.70 -0.92
N ASP B 69 22.99 0.80 0.41
CA ASP B 69 21.84 0.78 1.29
C ASP B 69 21.37 2.18 1.67
N CYS B 70 21.78 3.20 0.91
CA CYS B 70 21.38 4.59 1.18
C CYS B 70 21.90 5.09 2.52
N SER B 71 23.00 4.52 3.00
CA SER B 71 23.63 4.99 4.23
C SER B 71 24.60 6.13 4.01
N SER B 72 24.91 6.48 2.77
CA SER B 72 25.90 7.52 2.52
C SER B 72 25.22 8.89 2.43
N SER B 73 26.01 9.93 2.71
CA SER B 73 25.50 11.29 2.59
C SER B 73 25.29 11.72 1.14
N ASN B 74 25.64 10.86 0.19
CA ASN B 74 25.41 11.16 -1.22
C ASN B 74 24.01 10.81 -1.67
N CYS B 75 23.24 10.11 -0.84
CA CYS B 75 21.86 9.78 -1.22
C CYS B 75 21.04 11.05 -1.35
N LEU B 76 20.45 11.26 -2.53
CA LEU B 76 19.69 12.47 -2.76
C LEU B 76 18.52 12.59 -1.80
N CYS B 77 17.89 11.46 -1.48
CA CYS B 77 16.73 11.50 -0.59
C CYS B 77 17.14 11.97 0.81
N GLY B 78 18.29 11.52 1.30
CA GLY B 78 18.79 12.03 2.56
C GLY B 78 19.13 13.51 2.50
N GLN B 79 19.65 13.98 1.37
CA GLN B 79 19.97 15.39 1.21
C GLN B 79 18.70 16.25 1.18
N LEU B 80 17.60 15.70 0.65
CA LEU B 80 16.35 16.47 0.59
C LEU B 80 15.71 16.58 1.96
N SER B 81 15.99 15.62 2.83
CA SER B 81 15.47 15.68 4.19
C SER B 81 16.03 16.91 4.90
N ILE B 82 15.17 17.58 5.67
CA ILE B 82 15.51 18.87 6.27
C ILE B 82 15.82 18.64 7.74
N ARG B 83 17.10 18.80 8.10
CA ARG B 83 17.54 18.87 9.49
C ARG B 83 17.24 17.60 10.28
N CYS B 84 17.29 16.44 9.60
CA CYS B 84 17.11 15.18 10.28
C CYS B 84 17.67 14.05 9.43
N TRP B 85 17.95 12.93 10.09
CA TRP B 85 18.51 11.77 9.41
C TRP B 85 18.25 10.54 10.28
N TYR B 86 18.34 9.38 9.65
CA TYR B 86 18.19 8.11 10.35
C TYR B 86 19.56 7.50 10.58
N ASP B 87 19.74 6.92 11.78
CA ASP B 87 20.95 6.15 12.06
C ASP B 87 20.80 4.72 11.54
N LYS B 88 21.81 3.88 11.80
CA LYS B 88 21.83 2.53 11.25
C LYS B 88 20.71 1.66 11.80
N ASP B 89 20.11 2.04 12.94
CA ASP B 89 19.05 1.26 13.55
C ASP B 89 17.67 1.82 13.23
N GLY B 90 17.58 2.77 12.32
CA GLY B 90 16.30 3.33 11.95
C GLY B 90 15.78 4.36 12.93
N ARG B 91 16.64 4.93 13.78
CA ARG B 91 16.24 5.93 14.74
C ARG B 91 16.51 7.32 14.19
N LEU B 92 15.62 8.26 14.49
CA LEU B 92 15.67 9.60 13.92
C LEU B 92 16.53 10.49 14.80
N LEU B 93 17.44 11.23 14.16
CA LEU B 93 18.21 12.26 14.81
C LEU B 93 17.85 13.60 14.18
N GLN B 94 17.90 14.67 14.98
CA GLN B 94 17.56 16.00 14.51
C GLN B 94 18.62 17.01 14.90
N GLU B 95 18.75 18.04 14.08
CA GLU B 95 19.53 19.22 14.39
C GLU B 95 18.73 20.27 15.16
N PHE B 96 17.41 20.11 15.23
CA PHE B 96 16.51 21.09 15.84
C PHE B 96 16.56 22.44 15.11
N GLU B 100 12.79 26.28 11.67
CA GLU B 100 12.16 25.49 10.61
C GLU B 100 12.03 24.04 11.05
N PRO B 101 10.79 23.53 11.04
CA PRO B 101 10.56 22.15 11.48
C PRO B 101 11.26 21.15 10.56
N PRO B 102 11.59 19.97 11.08
CA PRO B 102 12.24 18.95 10.24
C PRO B 102 11.29 18.44 9.17
N LEU B 103 11.87 17.79 8.16
CA LEU B 103 11.08 17.18 7.10
C LEU B 103 11.82 15.97 6.58
N ILE B 104 11.19 14.81 6.55
CA ILE B 104 11.85 13.58 6.12
C ILE B 104 11.40 13.24 4.70
N PHE B 105 12.35 13.07 3.78
CA PHE B 105 12.07 12.45 2.50
C PHE B 105 12.62 11.03 2.55
N GLU B 106 11.73 10.05 2.65
CA GLU B 106 12.16 8.66 2.55
C GLU B 106 12.34 8.27 1.08
N CYS B 107 13.05 7.17 0.88
CA CYS B 107 13.17 6.61 -0.45
C CYS B 107 11.81 6.09 -0.93
N ASN B 108 11.71 5.85 -2.23
CA ASN B 108 10.42 5.61 -2.84
C ASN B 108 10.59 4.67 -4.03
N GLN B 109 9.48 4.40 -4.71
CA GLN B 109 9.44 3.42 -5.80
C GLN B 109 10.21 3.90 -7.03
N ALA B 110 10.58 5.17 -7.11
CA ALA B 110 11.41 5.66 -8.21
C ALA B 110 12.90 5.53 -7.93
N CYS B 111 13.31 5.42 -6.67
CA CYS B 111 14.74 5.28 -6.34
C CYS B 111 15.29 3.97 -6.89
N SER B 112 16.61 3.96 -7.13
CA SER B 112 17.27 2.76 -7.61
C SER B 112 17.51 1.74 -6.50
N CYS B 113 17.38 2.15 -5.25
CA CYS B 113 17.75 1.32 -4.12
C CYS B 113 16.68 0.26 -3.86
N TRP B 114 16.99 -0.61 -2.90
CA TRP B 114 16.10 -1.70 -2.53
C TRP B 114 15.11 -1.27 -1.45
N ARG B 115 14.04 -2.05 -1.34
CA ARG B 115 12.97 -1.76 -0.39
C ARG B 115 13.46 -1.77 1.05
N ASN B 116 14.60 -2.40 1.33
CA ASN B 116 15.11 -2.49 2.69
C ASN B 116 16.29 -1.54 2.93
N CYS B 117 16.40 -0.46 2.15
CA CYS B 117 17.47 0.50 2.40
C CYS B 117 17.23 1.20 3.74
N LYS B 118 18.24 1.98 4.17
CA LYS B 118 18.23 2.63 5.46
C LYS B 118 17.30 3.84 5.55
N ASN B 119 16.62 4.22 4.47
CA ASN B 119 15.78 5.41 4.48
C ASN B 119 14.32 5.04 4.25
N ARG B 120 13.82 4.06 5.03
CA ARG B 120 12.48 3.48 4.80
C ARG B 120 11.71 3.26 6.10
N VAL B 121 12.01 4.02 7.13
CA VAL B 121 11.54 3.69 8.48
C VAL B 121 10.01 3.83 8.57
N VAL B 122 9.49 5.01 8.24
CA VAL B 122 8.05 5.23 8.44
C VAL B 122 7.22 4.34 7.52
N GLN B 123 7.68 4.15 6.27
CA GLN B 123 6.89 3.36 5.35
C GLN B 123 6.86 1.89 5.72
N SER B 124 7.73 1.46 6.64
CA SER B 124 7.76 0.09 7.09
C SER B 124 6.79 -0.19 8.24
N GLY B 125 6.17 0.84 8.83
CA GLY B 125 5.07 0.62 9.76
C GLY B 125 5.48 0.43 11.21
N ILE B 126 4.48 0.11 12.01
CA ILE B 126 4.63 0.03 13.46
C ILE B 126 5.47 -1.19 13.82
N LYS B 127 6.45 -0.99 14.71
CA LYS B 127 7.26 -2.09 15.20
C LYS B 127 7.18 -2.27 16.71
N VAL B 128 6.77 -1.27 17.46
CA VAL B 128 6.72 -1.37 18.91
C VAL B 128 5.35 -1.86 19.34
N ARG B 129 5.30 -2.49 20.51
CA ARG B 129 4.05 -2.96 21.09
C ARG B 129 3.36 -1.82 21.84
N LEU B 130 2.16 -1.46 21.40
CA LEU B 130 1.36 -0.40 21.97
C LEU B 130 0.09 -0.99 22.54
N GLN B 131 -0.57 -0.21 23.41
CA GLN B 131 -1.83 -0.66 23.99
C GLN B 131 -2.76 0.53 24.14
N LEU B 132 -4.00 0.38 23.71
CA LEU B 132 -5.05 1.34 24.02
C LEU B 132 -5.57 1.01 25.40
N TYR B 133 -5.58 2.00 26.29
CA TYR B 133 -6.03 1.74 27.65
C TYR B 133 -6.84 2.91 28.18
N ARG B 134 -7.59 2.66 29.24
CA ARG B 134 -8.40 3.69 29.86
C ARG B 134 -7.54 4.42 30.90
N THR B 135 -7.38 5.73 30.71
CA THR B 135 -6.63 6.52 31.68
C THR B 135 -7.53 6.89 32.86
N ALA B 136 -6.92 7.44 33.90
CA ALA B 136 -7.68 7.84 35.08
C ALA B 136 -8.51 9.09 34.82
N LYS B 137 -7.99 10.02 34.00
CA LYS B 137 -8.61 11.34 33.91
C LYS B 137 -8.78 11.87 32.49
N MET B 138 -8.23 11.22 31.46
CA MET B 138 -8.22 11.80 30.13
C MET B 138 -8.98 10.96 29.11
N GLY B 139 -9.81 10.03 29.56
CA GLY B 139 -10.46 9.13 28.62
C GLY B 139 -9.53 8.01 28.20
N TRP B 140 -9.59 7.62 26.92
CA TRP B 140 -8.67 6.61 26.44
C TRP B 140 -7.30 7.24 26.17
N GLY B 141 -6.27 6.41 26.28
CA GLY B 141 -4.91 6.82 25.98
C GLY B 141 -4.15 5.64 25.38
N VAL B 142 -2.90 5.91 25.00
CA VAL B 142 -2.04 4.90 24.39
C VAL B 142 -0.78 4.78 25.23
N ARG B 143 -0.38 3.56 25.55
CA ARG B 143 0.85 3.36 26.32
C ARG B 143 1.73 2.31 25.66
N ALA B 144 3.02 2.38 25.99
CA ALA B 144 4.00 1.42 25.51
C ALA B 144 3.94 0.15 26.35
N LEU B 145 4.04 -1.00 25.69
CA LEU B 145 4.17 -2.29 26.36
C LEU B 145 5.60 -2.80 26.37
N GLN B 146 6.56 -1.94 26.05
CA GLN B 146 7.96 -2.32 25.99
C GLN B 146 8.77 -1.04 26.19
N THR B 147 10.07 -1.21 26.43
CA THR B 147 10.95 -0.05 26.45
C THR B 147 11.16 0.41 25.01
N ILE B 148 11.22 1.73 24.82
CA ILE B 148 11.39 2.30 23.50
C ILE B 148 12.53 3.30 23.53
N PRO B 149 13.64 3.05 22.83
CA PRO B 149 14.73 4.02 22.82
C PRO B 149 14.34 5.32 22.15
N GLN B 150 15.03 6.39 22.56
CA GLN B 150 14.88 7.69 21.92
C GLN B 150 15.05 7.58 20.41
N GLY B 151 14.18 8.27 19.67
CA GLY B 151 14.29 8.34 18.24
C GLY B 151 13.58 7.24 17.49
N THR B 152 12.86 6.37 18.18
CA THR B 152 12.21 5.25 17.51
C THR B 152 10.88 5.68 16.92
N PHE B 153 10.60 5.19 15.70
CA PHE B 153 9.29 5.42 15.11
C PHE B 153 8.23 4.69 15.93
N ILE B 154 7.13 5.38 16.22
CA ILE B 154 6.07 4.81 17.05
C ILE B 154 4.87 4.48 16.16
N CYS B 155 4.28 5.49 15.55
CA CYS B 155 3.08 5.32 14.72
C CYS B 155 2.85 6.60 13.96
N GLU B 156 1.94 6.54 12.99
CA GLU B 156 1.59 7.66 12.13
C GLU B 156 0.25 8.24 12.57
N TYR B 157 0.09 9.57 12.43
CA TYR B 157 -1.21 10.18 12.67
C TYR B 157 -2.05 9.99 11.41
N VAL B 158 -3.01 9.07 11.47
CA VAL B 158 -3.79 8.66 10.30
C VAL B 158 -5.23 9.09 10.48
N GLY B 159 -5.83 9.57 9.39
CA GLY B 159 -7.24 9.93 9.45
C GLY B 159 -7.78 10.34 8.09
N GLU B 160 -8.79 11.21 8.10
CA GLU B 160 -9.46 11.67 6.89
C GLU B 160 -8.81 12.97 6.44
N LEU B 161 -8.34 12.99 5.19
CA LEU B 161 -7.74 14.20 4.62
C LEU B 161 -8.84 15.20 4.28
N ILE B 162 -8.72 16.42 4.80
CA ILE B 162 -9.71 17.48 4.56
C ILE B 162 -8.99 18.81 4.35
N SER B 163 -9.68 19.71 3.66
CA SER B 163 -9.14 21.05 3.50
C SER B 163 -9.27 21.83 4.80
N ASP B 164 -8.51 22.92 4.91
CA ASP B 164 -8.64 23.77 6.07
CA ASP B 164 -8.63 23.79 6.06
C ASP B 164 -10.03 24.38 6.16
N ALA B 165 -10.64 24.69 5.01
CA ALA B 165 -12.00 25.24 5.02
C ALA B 165 -12.99 24.23 5.59
N GLU B 166 -12.81 22.96 5.25
CA GLU B 166 -13.66 21.91 5.82
C GLU B 166 -13.38 21.74 7.31
N ALA B 167 -12.10 21.81 7.71
CA ALA B 167 -11.77 21.67 9.13
C ALA B 167 -12.43 22.77 9.96
N ASP B 168 -12.51 23.98 9.41
CA ASP B 168 -13.08 25.09 10.17
C ASP B 168 -14.57 24.90 10.45
N VAL B 169 -15.28 24.14 9.61
CA VAL B 169 -16.73 23.99 9.78
C VAL B 169 -17.12 22.74 10.56
N ARG B 170 -16.18 21.85 10.85
CA ARG B 170 -16.53 20.63 11.56
C ARG B 170 -16.73 20.91 13.05
N GLU B 171 -17.73 20.24 13.63
CA GLU B 171 -18.13 20.56 14.99
C GLU B 171 -17.20 19.92 16.02
N ASP B 172 -16.75 18.69 15.78
CA ASP B 172 -15.86 18.00 16.72
C ASP B 172 -14.43 18.18 16.23
N ASP B 173 -13.68 19.03 16.91
CA ASP B 173 -12.31 19.34 16.53
C ASP B 173 -11.28 18.63 17.41
N SER B 174 -11.71 17.67 18.23
CA SER B 174 -10.81 17.01 19.18
C SER B 174 -9.79 16.09 18.53
N TYR B 175 -9.92 15.81 17.24
CA TYR B 175 -9.02 14.91 16.53
C TYR B 175 -8.44 15.55 15.27
N LEU B 176 -8.43 16.89 15.20
CA LEU B 176 -8.01 17.59 14.00
CA LEU B 176 -8.01 17.61 14.00
C LEU B 176 -6.51 17.91 14.07
N PHE B 177 -5.76 17.45 13.08
CA PHE B 177 -4.34 17.70 13.00
C PHE B 177 -4.05 18.59 11.79
N ASP B 178 -3.53 19.78 12.04
CA ASP B 178 -3.24 20.76 11.00
C ASP B 178 -1.88 20.44 10.39
N LEU B 179 -1.85 20.23 9.07
CA LEU B 179 -0.56 19.96 8.42
C LEU B 179 0.30 21.21 8.26
N ASP B 180 -0.28 22.40 8.41
CA ASP B 180 0.48 23.66 8.47
C ASP B 180 1.33 23.87 7.20
N ASN B 181 0.72 23.64 6.04
CA ASN B 181 1.43 23.81 4.78
C ASN B 181 1.92 25.24 4.62
N LYS B 182 3.19 25.39 4.26
CA LYS B 182 3.76 26.72 4.12
C LYS B 182 3.67 27.27 2.70
N ASP B 183 3.59 26.39 1.70
CA ASP B 183 3.52 26.80 0.30
C ASP B 183 2.34 26.08 -0.34
N GLY B 184 1.24 26.80 -0.50
CA GLY B 184 0.01 26.26 -1.03
C GLY B 184 -1.09 26.24 0.01
N GLU B 185 -2.24 25.72 -0.40
CA GLU B 185 -3.39 25.64 0.48
C GLU B 185 -3.11 24.68 1.64
N VAL B 186 -3.74 24.94 2.78
CA VAL B 186 -3.48 24.19 4.00
C VAL B 186 -4.48 23.05 4.12
N TYR B 187 -3.98 21.88 4.49
CA TYR B 187 -4.80 20.70 4.68
C TYR B 187 -4.65 20.16 6.10
N CYS B 188 -5.58 19.28 6.44
CA CYS B 188 -5.69 18.76 7.79
CA CYS B 188 -5.73 18.76 7.79
C CYS B 188 -6.00 17.27 7.72
N ILE B 189 -5.65 16.56 8.79
CA ILE B 189 -6.04 15.17 8.99
C ILE B 189 -7.04 15.17 10.14
N ASP B 190 -8.28 14.80 9.85
CA ASP B 190 -9.32 14.70 10.87
C ASP B 190 -9.50 13.23 11.21
N ALA B 191 -9.15 12.85 12.45
CA ALA B 191 -9.29 11.45 12.85
C ALA B 191 -10.57 11.19 13.65
N ARG B 192 -11.53 12.11 13.61
CA ARG B 192 -12.75 11.92 14.39
C ARG B 192 -13.55 10.70 13.90
N TYR B 193 -13.75 10.58 12.59
CA TYR B 193 -14.62 9.54 12.05
C TYR B 193 -13.85 8.35 11.50
N TYR B 194 -12.67 8.61 10.95
CA TYR B 194 -11.75 7.57 10.48
C TYR B 194 -10.40 7.90 11.08
N GLY B 195 -9.78 6.93 11.73
CA GLY B 195 -8.46 7.18 12.31
C GLY B 195 -7.80 5.89 12.72
N ASN B 196 -6.53 6.00 13.12
CA ASN B 196 -5.82 4.84 13.63
C ASN B 196 -5.55 5.03 15.13
N ILE B 197 -4.59 4.27 15.65
CA ILE B 197 -4.28 4.29 17.09
C ILE B 197 -3.91 5.70 17.57
N SER B 198 -3.34 6.54 16.69
CA SER B 198 -2.86 7.85 17.12
CA SER B 198 -2.86 7.85 17.11
C SER B 198 -3.98 8.77 17.56
N ARG B 199 -5.23 8.52 17.14
CA ARG B 199 -6.32 9.41 17.55
C ARG B 199 -6.51 9.38 19.06
N PHE B 200 -5.98 8.35 19.71
CA PHE B 200 -6.14 8.19 21.15
C PHE B 200 -4.95 8.70 21.96
N ILE B 201 -3.90 9.22 21.32
CA ILE B 201 -2.75 9.74 22.04
C ILE B 201 -3.10 11.10 22.65
N ASN B 202 -2.92 11.22 23.96
CA ASN B 202 -3.26 12.44 24.68
C ASN B 202 -2.14 13.47 24.63
N HIS B 203 -2.50 14.68 25.05
CA HIS B 203 -1.54 15.77 25.17
C HIS B 203 -0.79 15.64 26.47
N LEU B 204 0.52 15.82 26.42
CA LEU B 204 1.33 15.91 27.62
C LEU B 204 2.16 17.18 27.54
N CYS B 205 2.18 17.94 28.64
CA CYS B 205 3.09 19.08 28.70
C CYS B 205 4.54 18.67 28.83
N ASP B 206 4.79 17.45 29.31
CA ASP B 206 6.12 16.86 29.31
C ASP B 206 6.10 15.69 28.32
N PRO B 207 6.09 15.96 27.02
CA PRO B 207 5.83 14.90 26.04
C PRO B 207 7.01 13.96 25.88
N ASN B 208 6.70 12.74 25.40
CA ASN B 208 7.74 11.77 25.08
C ASN B 208 7.75 11.36 23.62
N ILE B 209 6.87 11.91 22.79
CA ILE B 209 6.92 11.70 21.35
C ILE B 209 6.76 13.04 20.64
N ILE B 210 7.23 13.10 19.40
CA ILE B 210 7.15 14.32 18.59
C ILE B 210 6.64 13.98 17.20
N PRO B 211 5.77 14.80 16.62
CA PRO B 211 5.35 14.59 15.24
C PRO B 211 6.37 15.20 14.27
N VAL B 212 6.57 14.50 13.15
CA VAL B 212 7.51 14.91 12.11
C VAL B 212 6.84 14.64 10.76
N ARG B 213 6.90 15.63 9.86
CA ARG B 213 6.33 15.49 8.53
C ARG B 213 7.25 14.62 7.66
N VAL B 214 6.64 13.74 6.87
CA VAL B 214 7.39 12.78 6.07
C VAL B 214 6.74 12.62 4.71
N PHE B 215 7.56 12.42 3.68
CA PHE B 215 7.13 12.00 2.36
C PHE B 215 7.71 10.63 2.04
N MET B 216 6.87 9.78 1.48
CA MET B 216 7.25 8.42 1.15
C MET B 216 6.89 8.11 -0.30
N LEU B 217 5.73 7.53 -0.56
CA LEU B 217 5.39 7.03 -1.89
C LEU B 217 4.77 8.09 -2.79
N HIS B 218 4.63 9.33 -2.30
CA HIS B 218 4.26 10.46 -3.13
C HIS B 218 4.97 11.67 -2.55
N GLN B 219 5.09 12.71 -3.36
CA GLN B 219 5.65 13.98 -2.90
C GLN B 219 4.70 15.12 -3.19
N ASP B 220 3.40 14.86 -3.00
CA ASP B 220 2.36 15.86 -3.12
C ASP B 220 2.43 16.75 -1.89
N LEU B 221 2.86 18.00 -2.08
CA LEU B 221 3.17 18.86 -0.95
C LEU B 221 1.96 19.26 -0.14
N ARG B 222 0.74 19.01 -0.63
CA ARG B 222 -0.44 19.24 0.19
C ARG B 222 -0.47 18.29 1.37
N PHE B 223 0.15 17.11 1.26
CA PHE B 223 -0.11 16.00 2.17
C PHE B 223 1.16 15.36 2.71
N PRO B 224 1.94 16.10 3.49
CA PRO B 224 2.93 15.42 4.33
C PRO B 224 2.18 14.45 5.23
N ARG B 225 2.80 13.32 5.50
CA ARG B 225 2.28 12.37 6.48
C ARG B 225 2.95 12.62 7.82
N ILE B 226 2.25 12.33 8.90
CA ILE B 226 2.70 12.72 10.24
C ILE B 226 3.18 11.47 10.97
N ALA B 227 4.48 11.43 11.25
CA ALA B 227 5.10 10.30 11.95
C ALA B 227 5.50 10.71 13.35
N PHE B 228 5.13 9.91 14.34
CA PHE B 228 5.56 10.16 15.71
C PHE B 228 6.81 9.35 16.01
N PHE B 229 7.82 10.03 16.57
CA PHE B 229 9.03 9.41 17.05
C PHE B 229 9.19 9.72 18.52
N SER B 230 9.73 8.77 19.28
CA SER B 230 10.02 9.05 20.67
C SER B 230 11.09 10.13 20.78
N SER B 231 10.89 11.06 21.71
CA SER B 231 11.84 12.14 21.95
C SER B 231 12.81 11.84 23.08
N ARG B 232 12.59 10.74 23.80
CA ARG B 232 13.49 10.27 24.85
C ARG B 232 13.23 8.77 24.98
N ASP B 233 14.07 8.11 25.78
CA ASP B 233 13.80 6.72 26.11
C ASP B 233 12.48 6.62 26.87
N ILE B 234 11.63 5.68 26.45
CA ILE B 234 10.33 5.46 27.06
C ILE B 234 10.34 4.13 27.78
N ARG B 235 9.79 4.12 28.99
CA ARG B 235 9.76 2.92 29.82
C ARG B 235 8.46 2.16 29.59
N THR B 236 8.51 0.85 29.79
CA THR B 236 7.32 0.03 29.67
C THR B 236 6.21 0.56 30.56
N GLY B 237 5.00 0.62 30.01
CA GLY B 237 3.85 1.11 30.73
C GLY B 237 3.63 2.61 30.67
N GLU B 238 4.61 3.38 30.20
CA GLU B 238 4.45 4.83 30.12
C GLU B 238 3.40 5.20 29.09
N GLU B 239 2.53 6.14 29.45
CA GLU B 239 1.61 6.72 28.49
C GLU B 239 2.38 7.54 27.45
N LEU B 240 2.03 7.36 26.19
CA LEU B 240 2.58 8.17 25.12
C LEU B 240 1.82 9.48 25.02
N GLY B 241 2.54 10.57 24.77
CA GLY B 241 1.88 11.84 24.59
C GLY B 241 2.77 12.81 23.86
N PHE B 242 2.14 13.70 23.11
CA PHE B 242 2.84 14.77 22.42
C PHE B 242 2.27 16.12 22.83
N ASP B 243 3.00 17.18 22.49
CA ASP B 243 2.55 18.54 22.76
C ASP B 243 1.57 18.94 21.65
N TYR B 244 0.29 19.03 21.99
CA TYR B 244 -0.70 19.42 20.98
C TYR B 244 -0.46 20.83 20.47
N GLY B 245 0.19 21.68 21.26
CA GLY B 245 0.51 23.02 20.82
C GLY B 245 -0.42 24.06 21.42
N ASP B 246 0.05 25.31 21.37
CA ASP B 246 -0.70 26.40 22.00
C ASP B 246 -2.01 26.68 21.28
N ARG B 247 -2.04 26.51 19.95
CA ARG B 247 -3.26 26.83 19.21
C ARG B 247 -4.42 25.94 19.65
N PHE B 248 -4.19 24.64 19.77
CA PHE B 248 -5.19 23.74 20.32
C PHE B 248 -5.72 24.25 21.66
N TRP B 249 -4.82 24.57 22.59
CA TRP B 249 -5.26 24.93 23.93
C TRP B 249 -5.91 26.30 23.99
N ASP B 250 -5.49 27.22 23.13
CA ASP B 250 -6.14 28.53 23.07
C ASP B 250 -7.62 28.38 22.73
N ILE B 251 -7.96 27.35 21.97
CA ILE B 251 -9.36 27.10 21.61
C ILE B 251 -10.04 26.22 22.65
N LYS B 252 -9.39 25.13 23.06
CA LYS B 252 -10.04 24.15 23.91
C LYS B 252 -10.14 24.57 25.37
N SER B 253 -9.25 25.47 25.84
CA SER B 253 -9.23 25.79 27.26
C SER B 253 -10.53 26.42 27.74
N LYS B 254 -11.34 26.95 26.82
CA LYS B 254 -12.67 27.44 27.17
C LYS B 254 -13.61 26.32 27.62
N TYR B 255 -13.28 25.07 27.29
CA TYR B 255 -14.13 23.92 27.62
C TYR B 255 -13.52 22.99 28.66
N PHE B 256 -12.20 22.85 28.68
CA PHE B 256 -11.53 22.02 29.68
C PHE B 256 -10.06 22.44 29.72
N THR B 257 -9.42 22.18 30.86
CA THR B 257 -8.02 22.51 31.01
C THR B 257 -7.20 21.24 31.17
N CYS B 258 -5.88 21.40 31.15
CA CYS B 258 -4.99 20.24 31.04
C CYS B 258 -4.94 19.47 32.36
N GLN B 259 -5.05 18.15 32.24
CA GLN B 259 -4.93 17.26 33.39
C GLN B 259 -3.70 16.37 33.31
N CYS B 260 -2.65 16.81 32.60
CA CYS B 260 -1.45 15.98 32.49
C CYS B 260 -0.76 15.79 33.83
N GLY B 261 -0.94 16.72 34.77
CA GLY B 261 -0.42 16.59 36.11
C GLY B 261 1.06 16.88 36.27
N SER B 262 1.75 17.30 35.22
CA SER B 262 3.17 17.58 35.33
C SER B 262 3.42 18.83 36.15
N GLU B 263 4.53 18.84 36.89
CA GLU B 263 4.92 20.03 37.62
C GLU B 263 5.18 21.21 36.69
N LYS B 264 5.46 20.96 35.42
CA LYS B 264 5.68 22.01 34.44
C LYS B 264 4.49 22.16 33.49
N CYS B 265 3.29 21.82 33.97
CA CYS B 265 2.10 21.90 33.11
C CYS B 265 1.84 23.34 32.68
N LYS B 266 1.60 23.53 31.39
CA LYS B 266 1.42 24.85 30.80
C LYS B 266 -0.04 25.21 30.53
N HIS B 267 -0.98 24.27 30.71
CA HIS B 267 -2.34 24.47 30.22
C HIS B 267 -3.40 24.12 31.25
N SER B 268 -3.02 24.01 32.52
CA SER B 268 -3.99 23.89 33.60
C SER B 268 -4.67 25.24 33.82
N ALA B 269 -5.79 25.21 34.57
CA ALA B 269 -6.46 26.46 34.92
C ALA B 269 -5.49 27.42 35.60
N GLU B 270 -4.66 26.89 36.49
CA GLU B 270 -3.72 27.73 37.22
C GLU B 270 -2.65 28.30 36.28
N ALA B 271 -2.15 27.47 35.36
CA ALA B 271 -1.12 27.94 34.44
C ALA B 271 -1.66 29.04 33.54
N ILE B 272 -2.89 28.88 33.05
CA ILE B 272 -3.50 29.89 32.19
C ILE B 272 -3.66 31.21 32.94
N ALA B 273 -4.15 31.14 34.18
CA ALA B 273 -4.27 32.34 34.99
C ALA B 273 -2.90 32.99 35.21
N LEU B 274 -1.88 32.17 35.46
CA LEU B 274 -0.54 32.70 35.69
C LEU B 274 0.02 33.33 34.43
N GLU B 275 -0.29 32.75 33.27
CA GLU B 275 0.15 33.34 32.01
C GLU B 275 -0.58 34.65 31.74
N GLN B 276 -1.87 34.73 32.09
CA GLN B 276 -2.60 35.97 31.93
C GLN B 276 -2.08 37.06 32.85
N SER B 277 -1.58 36.70 34.04
CA SER B 277 -0.96 37.69 34.91
C SER B 277 0.40 38.12 34.40
N ARG B 278 1.18 37.18 33.86
CA ARG B 278 2.48 37.52 33.31
C ARG B 278 2.35 38.52 32.16
N LEU B 279 1.38 38.31 31.28
CA LEU B 279 1.10 39.23 30.18
C LEU B 279 0.38 40.47 30.70
#